data_4V26
#
_entry.id   4V26
#
_cell.length_a   108.838
_cell.length_b   108.838
_cell.length_c   84.401
_cell.angle_alpha   90.00
_cell.angle_beta   90.00
_cell.angle_gamma   120.00
#
_symmetry.space_group_name_H-M   'P 64'
#
loop_
_entity.id
_entity.type
_entity.pdbx_description
1 polymer '[PYRUVATE DEHYDROGENASE (ACETYL-TRANSFERRING)] KINASE ISOZYME 2, MITOCHONDRIAL'
2 non-polymer 'N-(2-AMINOETHYL)-2-{3-CHLORO-4-[(4-ISOPROPYLBENZYL)OXY]PHENYL} ACETAMIDE'
3 non-polymer 'MAGNESIUM ION'
4 non-polymer N-[4-(2-CHLORO-5-METHYLPYRIMIDIN-4-YL)PHENYL]-2,4-DIHYDROXY-N-(4-{[(TRIFLUOROACETYL)AMINO]METHYL}BENZYL)BENZAMIDE
5 water water
#
_entity_poly.entity_id   1
_entity_poly.type   'polypeptide(L)'
_entity_poly.pdbx_seq_one_letter_code
;MRWVWALLKNASLASAPKYIEHFSKFSPSPLSMKQFLDFGSSNACEKTSFTFLRQELPVRLANIMKEINLLPDRVLSTPS
VQLVQSWYVQSLLDIMEFLDKDPEDHRTLSQFTDALVTIRNRHNDVVPTMAQGVLEYKDTYGDDPVSNQNIQYFLDRFYL
SRISIRMLINQHTLIFDGSTNPAHPKHIGSIDPNCNVSEVVKDAYDMAKLLCDKYYMASPDLEIQEINAANSKQPIHMVY
VPSHLYHMLFELFKNAMRATVESHESSLILPPIKVMVALGEEDLSIKMSDRGGGVPLRKIERLFSYMYSTAPTPQPGTGG
TPLAGFGYGLPISRLYAKYFQGDLQLFSMEGFGTDAVIYLKALSTDSVERLPVYNKSAWRHYQTIQEAGDWCVPSTEPKN
TSTYRVS
;
_entity_poly.pdbx_strand_id   A
#
# COMPACT_ATOMS: atom_id res chain seq x y z
N ALA A 14 5.05 32.91 -6.49
CA ALA A 14 5.50 31.88 -5.54
C ALA A 14 6.69 31.12 -6.10
N SER A 15 7.19 30.16 -5.30
CA SER A 15 8.43 29.40 -5.58
C SER A 15 8.31 27.90 -5.83
N ALA A 16 7.10 27.34 -5.96
CA ALA A 16 6.97 25.85 -6.06
C ALA A 16 7.87 25.26 -7.15
N PRO A 17 7.88 25.87 -8.35
CA PRO A 17 8.76 25.24 -9.36
C PRO A 17 10.28 25.33 -9.04
N LYS A 18 10.71 26.30 -8.27
CA LYS A 18 12.13 26.33 -7.95
C LYS A 18 12.39 25.22 -6.90
N TYR A 19 11.51 25.15 -5.92
CA TYR A 19 11.58 24.15 -4.91
C TYR A 19 11.55 22.77 -5.50
N ILE A 20 10.54 22.50 -6.33
CA ILE A 20 10.50 21.23 -7.01
C ILE A 20 11.84 20.94 -7.70
N GLU A 21 12.34 21.87 -8.52
CA GLU A 21 13.60 21.63 -9.23
C GLU A 21 14.80 21.34 -8.30
N HIS A 22 14.94 22.13 -7.25
CA HIS A 22 16.02 22.01 -6.35
C HIS A 22 15.95 20.64 -5.70
N PHE A 23 14.77 20.31 -5.14
CA PHE A 23 14.67 19.13 -4.31
C PHE A 23 14.63 17.80 -5.06
N SER A 24 14.19 17.85 -6.31
CA SER A 24 14.31 16.67 -7.14
C SER A 24 15.72 16.47 -7.64
N LYS A 25 16.67 17.31 -7.22
CA LYS A 25 18.06 16.97 -7.58
C LYS A 25 18.57 15.87 -6.61
N PHE A 26 17.99 15.82 -5.41
CA PHE A 26 18.25 14.79 -4.37
C PHE A 26 17.57 13.45 -4.63
N SER A 27 18.15 12.37 -4.11
CA SER A 27 17.55 11.07 -4.28
C SER A 27 16.86 10.70 -2.99
N PRO A 28 15.64 10.14 -3.05
CA PRO A 28 15.11 9.75 -1.76
C PRO A 28 16.09 8.79 -1.06
N SER A 29 15.96 8.67 0.26
CA SER A 29 16.78 7.81 1.07
C SER A 29 15.93 6.67 1.57
N PRO A 30 16.00 5.50 0.92
CA PRO A 30 15.20 4.40 1.51
C PRO A 30 15.68 4.08 2.93
N LEU A 31 14.77 3.88 3.87
CA LEU A 31 15.10 3.33 5.19
C LEU A 31 14.81 1.82 5.31
N SER A 32 15.59 1.14 6.15
CA SER A 32 15.32 -0.26 6.50
C SER A 32 14.45 -0.32 7.75
N MET A 33 13.77 -1.45 7.98
CA MET A 33 13.13 -1.72 9.30
C MET A 33 13.98 -1.28 10.49
N LYS A 34 15.25 -1.70 10.49
CA LYS A 34 16.13 -1.27 11.57
C LYS A 34 16.13 0.26 11.75
N GLN A 35 16.47 1.00 10.70
CA GLN A 35 16.41 2.44 10.82
C GLN A 35 15.10 2.94 11.38
N PHE A 36 13.99 2.28 11.00
CA PHE A 36 12.64 2.69 11.48
C PHE A 36 12.49 2.45 12.97
N LEU A 37 12.88 1.25 13.39
CA LEU A 37 12.85 0.90 14.79
C LEU A 37 13.74 1.80 15.62
N ASP A 38 14.88 2.22 15.08
CA ASP A 38 15.78 3.11 15.83
C ASP A 38 15.20 4.51 16.06
N PHE A 39 14.57 5.10 15.02
CA PHE A 39 13.88 6.42 15.15
C PHE A 39 12.79 6.35 16.22
N GLY A 40 12.27 5.13 16.42
CA GLY A 40 11.08 4.88 17.21
C GLY A 40 11.31 4.42 18.62
N SER A 41 12.55 4.41 19.08
CA SER A 41 12.85 4.60 20.50
C SER A 41 14.34 4.68 20.74
N ASN A 43 13.04 5.64 23.29
CA ASN A 43 14.03 6.69 23.51
C ASN A 43 13.81 7.82 22.48
N ALA A 44 13.06 8.86 22.91
CA ALA A 44 12.66 10.04 22.08
C ALA A 44 13.79 10.66 21.22
N CYS A 45 14.07 9.99 20.12
CA CYS A 45 14.84 10.54 19.04
C CYS A 45 13.98 11.63 18.29
N GLU A 46 13.11 12.39 18.99
CA GLU A 46 12.17 13.32 18.28
C GLU A 46 12.83 14.40 17.43
N LYS A 47 13.84 15.04 17.97
CA LYS A 47 14.54 16.08 17.25
C LYS A 47 15.13 15.48 15.95
N THR A 48 15.62 14.26 16.03
CA THR A 48 16.29 13.49 14.94
C THR A 48 15.34 13.12 13.79
N SER A 49 14.13 12.74 14.17
CA SER A 49 13.10 12.39 13.24
C SER A 49 12.77 13.68 12.52
N PHE A 50 12.54 14.74 13.31
CA PHE A 50 12.33 16.09 12.76
C PHE A 50 13.35 16.56 11.71
N THR A 51 14.64 16.47 12.03
CA THR A 51 15.65 16.99 11.10
C THR A 51 15.79 16.07 9.90
N PHE A 52 15.57 14.78 10.08
CA PHE A 52 15.53 13.92 8.92
C PHE A 52 14.33 14.30 7.99
N LEU A 53 13.17 14.48 8.60
CA LEU A 53 11.93 14.58 7.86
C LEU A 53 11.80 15.86 7.05
N ARG A 54 12.12 16.99 7.67
CA ARG A 54 12.17 18.28 6.99
C ARG A 54 13.10 18.28 5.77
N GLN A 55 14.15 17.45 5.72
CA GLN A 55 14.89 17.29 4.46
C GLN A 55 14.18 16.27 3.60
N GLU A 56 13.79 15.12 4.17
CA GLU A 56 13.40 13.96 3.34
C GLU A 56 12.05 14.14 2.63
N LEU A 57 11.07 14.65 3.34
CA LEU A 57 9.75 14.82 2.76
C LEU A 57 9.80 15.72 1.52
N PRO A 58 10.59 16.83 1.55
CA PRO A 58 10.61 17.62 0.32
C PRO A 58 11.22 16.92 -0.87
N VAL A 59 12.27 16.12 -0.66
CA VAL A 59 12.89 15.36 -1.71
C VAL A 59 11.86 14.42 -2.31
N ARG A 60 11.29 13.57 -1.44
CA ARG A 60 10.17 12.67 -1.82
C ARG A 60 9.03 13.42 -2.48
N LEU A 61 8.44 14.42 -1.85
CA LEU A 61 7.35 15.16 -2.52
C LEU A 61 7.77 15.67 -3.92
N ALA A 62 8.98 16.21 -4.00
CA ALA A 62 9.38 16.95 -5.19
C ALA A 62 9.66 15.98 -6.33
N ASN A 63 10.18 14.80 -5.97
CA ASN A 63 10.41 13.81 -6.99
C ASN A 63 9.14 13.37 -7.73
N ILE A 64 8.10 13.09 -6.95
CA ILE A 64 6.87 12.75 -7.56
C ILE A 64 6.26 13.98 -8.25
N MET A 65 6.46 15.17 -7.67
CA MET A 65 5.85 16.36 -8.28
C MET A 65 6.43 16.65 -9.67
N LYS A 66 7.74 16.35 -9.81
CA LYS A 66 8.40 16.53 -11.08
C LYS A 66 7.76 15.60 -12.09
N GLU A 67 7.51 14.37 -11.68
CA GLU A 67 6.90 13.44 -12.58
C GLU A 67 5.46 13.84 -12.95
N ILE A 68 4.71 14.28 -11.96
CA ILE A 68 3.39 14.80 -12.29
C ILE A 68 3.46 15.91 -13.41
N ASN A 69 4.42 16.84 -13.29
CA ASN A 69 4.53 17.96 -14.25
C ASN A 69 4.99 17.58 -15.62
N LEU A 70 5.62 16.42 -15.73
CA LEU A 70 5.98 15.90 -17.05
C LEU A 70 4.83 15.10 -17.71
N LEU A 71 3.62 15.09 -17.15
CA LEU A 71 2.58 14.30 -17.86
C LEU A 71 2.07 15.09 -19.04
N PRO A 72 1.60 14.41 -20.07
CA PRO A 72 1.22 15.23 -21.23
C PRO A 72 0.13 16.26 -20.88
N ASP A 73 0.05 17.33 -21.66
CA ASP A 73 -0.84 18.38 -21.24
C ASP A 73 -2.28 17.97 -21.14
N ARG A 74 -2.75 17.16 -22.09
CA ARG A 74 -4.16 16.65 -22.09
C ARG A 74 -4.58 15.80 -20.86
N VAL A 75 -3.59 15.37 -20.08
CA VAL A 75 -3.79 14.67 -18.84
C VAL A 75 -3.61 15.75 -17.79
N LEU A 76 -2.55 16.54 -17.92
CA LEU A 76 -2.15 17.47 -16.83
C LEU A 76 -3.20 18.55 -16.63
N SER A 77 -3.93 18.93 -17.66
CA SER A 77 -4.88 20.01 -17.49
C SER A 77 -6.23 19.51 -16.98
N THR A 78 -6.31 18.23 -16.60
CA THR A 78 -7.60 17.76 -16.12
C THR A 78 -7.87 18.27 -14.70
N PRO A 79 -9.15 18.45 -14.32
CA PRO A 79 -9.41 18.98 -12.95
C PRO A 79 -8.81 18.07 -11.84
N SER A 80 -8.87 16.76 -12.05
CA SER A 80 -8.41 15.80 -11.03
C SER A 80 -6.92 15.94 -10.74
N VAL A 81 -6.11 16.00 -11.80
CA VAL A 81 -4.67 16.23 -11.66
C VAL A 81 -4.39 17.65 -11.13
N GLN A 82 -5.18 18.62 -11.55
CA GLN A 82 -4.93 19.98 -11.06
C GLN A 82 -5.10 19.97 -9.56
N LEU A 83 -6.12 19.29 -9.05
CA LEU A 83 -6.42 19.29 -7.62
C LEU A 83 -5.27 18.59 -6.88
N VAL A 84 -4.87 17.43 -7.39
CA VAL A 84 -3.74 16.80 -6.70
C VAL A 84 -2.44 17.61 -6.82
N GLN A 85 -2.07 18.08 -8.02
CA GLN A 85 -0.91 19.02 -8.17
C GLN A 85 -1.09 20.04 -7.04
N SER A 86 -2.31 20.51 -6.74
CA SER A 86 -2.40 21.62 -5.75
C SER A 86 -2.11 21.18 -4.31
N TRP A 87 -2.57 19.98 -3.94
CA TRP A 87 -2.23 19.43 -2.62
C TRP A 87 -0.71 19.31 -2.42
N TYR A 88 0.00 18.77 -3.40
CA TYR A 88 1.43 18.55 -3.23
C TYR A 88 2.14 19.91 -3.00
N VAL A 89 1.80 20.92 -3.80
CA VAL A 89 2.42 22.22 -3.67
C VAL A 89 2.25 22.72 -2.26
N GLN A 90 1.02 22.66 -1.77
CA GLN A 90 0.72 23.18 -0.45
C GLN A 90 1.49 22.39 0.66
N SER A 91 1.53 21.07 0.51
CA SER A 91 2.20 20.23 1.49
C SER A 91 3.69 20.47 1.48
N LEU A 92 4.27 20.67 0.30
CA LEU A 92 5.69 20.93 0.20
C LEU A 92 6.03 22.27 0.89
N LEU A 93 5.20 23.29 0.62
CA LEU A 93 5.36 24.60 1.26
C LEU A 93 5.16 24.55 2.77
N ASP A 94 4.19 23.77 3.25
CA ASP A 94 3.99 23.69 4.69
C ASP A 94 5.23 23.15 5.31
N ILE A 95 5.89 22.23 4.62
CA ILE A 95 7.08 21.60 5.20
C ILE A 95 8.31 22.51 5.16
N MET A 96 8.45 23.25 4.06
CA MET A 96 9.40 24.34 3.94
C MET A 96 9.48 25.23 5.21
N GLU A 97 8.32 25.64 5.71
CA GLU A 97 8.30 26.59 6.82
C GLU A 97 9.33 26.23 7.90
N PHE A 98 9.77 24.97 7.94
CA PHE A 98 10.46 24.44 9.09
C PHE A 98 11.98 24.29 8.88
N LEU A 99 12.41 24.48 7.63
CA LEU A 99 13.78 24.16 7.26
C LEU A 99 14.79 24.95 8.09
N ASP A 100 14.50 26.22 8.31
CA ASP A 100 15.42 27.12 8.98
C ASP A 100 15.05 27.24 10.47
N LYS A 101 14.06 26.46 10.92
CA LYS A 101 13.54 26.57 12.27
C LYS A 101 14.39 25.72 13.21
N ASP A 102 14.17 25.85 14.51
CA ASP A 102 15.18 25.44 15.46
C ASP A 102 14.73 24.19 16.20
N PRO A 103 15.42 23.04 15.91
CA PRO A 103 15.11 21.70 16.48
C PRO A 103 14.99 21.64 18.00
N GLU A 104 15.75 22.48 18.73
CA GLU A 104 15.72 22.55 20.23
C GLU A 104 14.42 23.15 20.80
N ASP A 105 13.71 23.94 20.00
CA ASP A 105 12.49 24.63 20.46
C ASP A 105 11.29 23.66 20.36
N HIS A 106 10.72 23.34 21.51
CA HIS A 106 9.64 22.36 21.65
C HIS A 106 8.34 22.76 20.95
N ARG A 107 8.09 24.06 20.85
CA ARG A 107 6.94 24.52 20.07
C ARG A 107 7.16 24.25 18.56
N THR A 108 8.43 24.23 18.13
CA THR A 108 8.79 23.86 16.75
C THR A 108 8.37 22.40 16.53
N LEU A 109 8.92 21.48 17.31
CA LEU A 109 8.50 20.09 17.26
C LEU A 109 6.98 19.90 17.23
N SER A 110 6.28 20.68 18.03
CA SER A 110 4.86 20.54 18.20
C SER A 110 4.04 20.93 16.96
N GLN A 111 4.41 22.05 16.34
CA GLN A 111 3.62 22.61 15.26
C GLN A 111 3.94 21.83 13.97
N PHE A 112 5.12 21.19 13.95
CA PHE A 112 5.53 20.25 12.90
C PHE A 112 4.71 18.95 12.91
N THR A 113 4.46 18.41 14.08
CA THR A 113 3.54 17.31 14.16
C THR A 113 2.15 17.74 13.68
N ASP A 114 1.72 18.96 14.00
CA ASP A 114 0.41 19.46 13.57
C ASP A 114 0.36 19.53 12.06
N ALA A 115 1.49 20.07 11.54
CA ALA A 115 1.65 20.23 10.10
C ALA A 115 1.61 18.86 9.37
N LEU A 116 2.23 17.83 9.95
CA LEU A 116 2.17 16.49 9.42
C LEU A 116 0.74 15.97 9.37
N VAL A 117 0.01 16.05 10.49
CA VAL A 117 -1.39 15.58 10.52
C VAL A 117 -2.23 16.25 9.42
N THR A 118 -2.10 17.57 9.31
CA THR A 118 -2.85 18.35 8.32
C THR A 118 -2.52 17.93 6.91
N ILE A 119 -1.23 17.67 6.66
CA ILE A 119 -0.81 17.23 5.32
C ILE A 119 -1.41 15.86 4.98
N ARG A 120 -1.41 14.96 5.97
CA ARG A 120 -1.98 13.61 5.80
C ARG A 120 -3.44 13.71 5.47
N ASN A 121 -4.18 14.55 6.22
CA ASN A 121 -5.62 14.78 5.91
C ASN A 121 -5.87 15.34 4.53
N ARG A 122 -4.99 16.21 4.07
CA ARG A 122 -5.25 17.00 2.88
C ARG A 122 -5.30 16.04 1.71
N HIS A 123 -4.56 14.94 1.84
CA HIS A 123 -4.40 13.98 0.74
C HIS A 123 -5.24 12.71 0.89
N ASN A 124 -6.17 12.67 1.85
CA ASN A 124 -6.87 11.41 2.11
C ASN A 124 -7.61 10.85 0.91
N ASP A 125 -8.09 11.72 0.02
CA ASP A 125 -8.97 11.33 -1.07
C ASP A 125 -8.34 11.21 -2.44
N VAL A 126 -7.02 10.93 -2.52
CA VAL A 126 -6.36 10.92 -3.83
C VAL A 126 -6.94 9.83 -4.64
N VAL A 127 -7.26 8.69 -4.00
CA VAL A 127 -7.50 7.46 -4.77
C VAL A 127 -8.71 7.71 -5.68
N PRO A 128 -9.86 8.06 -5.07
CA PRO A 128 -11.00 8.38 -5.89
C PRO A 128 -10.72 9.57 -6.81
N THR A 129 -9.85 10.51 -6.41
CA THR A 129 -9.51 11.64 -7.31
C THR A 129 -8.86 11.14 -8.58
N MET A 130 -7.84 10.31 -8.39
CA MET A 130 -7.14 9.72 -9.52
C MET A 130 -8.08 8.89 -10.34
N ALA A 131 -8.86 8.07 -9.66
CA ALA A 131 -9.89 7.29 -10.36
C ALA A 131 -10.75 8.14 -11.34
N GLN A 132 -11.10 9.38 -10.99
CA GLN A 132 -11.88 10.24 -11.92
C GLN A 132 -11.08 10.67 -13.13
N GLY A 133 -9.77 10.89 -12.92
CA GLY A 133 -8.84 11.25 -13.99
C GLY A 133 -8.68 10.13 -15.00
N VAL A 134 -8.52 8.91 -14.48
CA VAL A 134 -8.51 7.69 -15.32
C VAL A 134 -9.83 7.63 -16.10
N LEU A 135 -10.97 7.75 -15.40
CA LEU A 135 -12.27 7.73 -16.08
C LEU A 135 -12.31 8.79 -17.18
N GLU A 136 -11.92 10.03 -16.83
CA GLU A 136 -12.01 11.07 -17.82
C GLU A 136 -11.18 10.66 -19.01
N TYR A 137 -9.94 10.23 -18.80
CA TYR A 137 -9.03 9.97 -19.89
C TYR A 137 -9.52 8.81 -20.77
N LYS A 138 -10.04 7.78 -20.13
CA LYS A 138 -10.57 6.57 -20.82
C LYS A 138 -11.71 6.94 -21.79
N ASP A 139 -12.57 7.87 -21.36
CA ASP A 139 -13.71 8.32 -22.18
C ASP A 139 -13.33 9.41 -23.17
N THR A 140 -12.21 10.01 -22.95
CA THR A 140 -11.84 11.19 -23.64
C THR A 140 -10.74 10.93 -24.73
N TYR A 141 -9.87 9.94 -24.48
CA TYR A 141 -8.77 9.56 -25.39
C TYR A 141 -8.77 8.07 -25.76
N GLY A 142 -9.42 7.23 -24.94
CA GLY A 142 -9.51 5.79 -25.21
C GLY A 142 -8.77 4.91 -24.22
N ASP A 143 -8.89 3.60 -24.42
CA ASP A 143 -8.37 2.62 -23.45
C ASP A 143 -7.51 1.57 -24.16
N ASP A 144 -6.64 2.04 -25.03
CA ASP A 144 -5.77 1.21 -25.81
C ASP A 144 -4.53 0.74 -24.92
N PRO A 145 -3.77 -0.28 -25.40
CA PRO A 145 -2.68 -0.85 -24.59
C PRO A 145 -1.58 0.14 -24.24
N VAL A 146 -1.32 1.08 -25.13
CA VAL A 146 -0.31 2.05 -24.83
C VAL A 146 -0.75 2.97 -23.67
N SER A 147 -1.97 3.47 -23.76
CA SER A 147 -2.55 4.27 -22.68
C SER A 147 -2.46 3.55 -21.36
N ASN A 148 -2.96 2.32 -21.36
CA ASN A 148 -2.85 1.45 -20.21
C ASN A 148 -1.46 1.35 -19.58
N GLN A 149 -0.38 1.21 -20.37
CA GLN A 149 0.95 1.04 -19.77
C GLN A 149 1.40 2.32 -19.10
N ASN A 150 0.98 3.45 -19.68
CA ASN A 150 1.34 4.73 -19.17
C ASN A 150 0.65 5.09 -17.90
N ILE A 151 -0.65 4.81 -17.82
CA ILE A 151 -1.36 4.90 -16.59
C ILE A 151 -0.70 3.97 -15.53
N GLN A 152 -0.52 2.70 -15.86
CA GLN A 152 0.06 1.72 -14.93
C GLN A 152 1.41 2.20 -14.35
N TYR A 153 2.30 2.52 -15.27
CA TYR A 153 3.58 3.08 -14.93
C TYR A 153 3.44 4.28 -13.99
N PHE A 154 2.57 5.25 -14.32
CA PHE A 154 2.49 6.46 -13.54
C PHE A 154 1.87 6.20 -12.17
N LEU A 155 0.68 5.58 -12.12
CA LEU A 155 0.03 5.28 -10.83
C LEU A 155 0.82 4.37 -9.87
N ASP A 156 1.43 3.31 -10.38
CA ASP A 156 2.30 2.48 -9.54
C ASP A 156 3.32 3.36 -8.82
N ARG A 157 3.94 4.28 -9.58
CA ARG A 157 5.01 5.07 -9.03
C ARG A 157 4.40 6.02 -8.06
N PHE A 158 3.31 6.63 -8.49
CA PHE A 158 2.71 7.61 -7.70
C PHE A 158 2.16 7.03 -6.41
N TYR A 159 1.47 5.89 -6.50
CA TYR A 159 0.97 5.28 -5.27
C TYR A 159 2.11 4.74 -4.41
N LEU A 160 3.13 4.13 -5.03
CA LEU A 160 4.27 3.68 -4.21
C LEU A 160 4.86 4.87 -3.48
N SER A 161 4.95 5.99 -4.19
CA SER A 161 5.51 7.18 -3.59
C SER A 161 4.67 7.56 -2.40
N ARG A 162 3.33 7.60 -2.62
CA ARG A 162 2.37 7.90 -1.56
C ARG A 162 2.46 6.98 -0.34
N ILE A 163 2.58 5.67 -0.53
CA ILE A 163 2.73 4.76 0.61
C ILE A 163 3.95 5.12 1.46
N SER A 164 5.08 5.40 0.80
CA SER A 164 6.30 5.71 1.51
C SER A 164 6.19 6.98 2.33
N ILE A 165 5.48 7.99 1.80
CA ILE A 165 5.38 9.27 2.52
C ILE A 165 4.45 9.08 3.73
N ARG A 166 3.34 8.38 3.50
CA ARG A 166 2.39 8.17 4.59
C ARG A 166 3.05 7.36 5.66
N MET A 167 3.90 6.44 5.29
CA MET A 167 4.66 5.67 6.30
C MET A 167 5.59 6.58 7.15
N LEU A 168 6.29 7.53 6.53
CA LEU A 168 7.16 8.39 7.30
C LEU A 168 6.31 9.21 8.29
N ILE A 169 5.23 9.81 7.78
CA ILE A 169 4.37 10.65 8.58
C ILE A 169 3.73 9.88 9.70
N ASN A 170 3.21 8.70 9.43
CA ASN A 170 2.61 7.92 10.49
C ASN A 170 3.66 7.52 11.52
N GLN A 171 4.90 7.17 11.10
CA GLN A 171 5.87 6.81 12.14
C GLN A 171 6.07 7.95 13.10
N HIS A 172 6.26 9.15 12.55
CA HIS A 172 6.43 10.35 13.38
C HIS A 172 5.23 10.73 14.27
N THR A 173 4.02 10.77 13.70
CA THR A 173 2.90 11.25 14.49
C THR A 173 2.42 10.25 15.55
N LEU A 174 2.58 8.94 15.29
CA LEU A 174 2.17 7.92 16.23
C LEU A 174 3.10 7.84 17.46
N ILE A 175 4.41 7.80 17.19
CA ILE A 175 5.45 7.79 18.22
C ILE A 175 5.54 9.13 19.00
N PHE A 176 5.50 10.27 18.32
CA PHE A 176 5.67 11.59 19.02
C PHE A 176 4.40 12.45 19.36
N ASP A 177 3.41 11.83 20.00
CA ASP A 177 2.10 12.46 20.26
C ASP A 177 2.11 13.47 21.42
N PRO A 185 8.16 -1.04 24.94
CA PRO A 185 6.70 -1.05 24.81
C PRO A 185 6.11 -1.55 23.43
N LYS A 186 6.03 -2.90 23.26
CA LYS A 186 5.46 -3.67 22.09
C LYS A 186 5.48 -3.06 20.64
N HIS A 187 4.38 -2.48 20.18
CA HIS A 187 4.34 -1.82 18.87
C HIS A 187 5.26 -0.60 18.73
N ILE A 188 5.73 -0.27 17.52
CA ILE A 188 6.54 0.91 17.31
C ILE A 188 5.89 1.67 16.19
N GLY A 189 4.86 2.43 16.56
CA GLY A 189 4.09 3.22 15.62
C GLY A 189 3.28 2.17 14.91
N SER A 190 3.41 2.11 13.58
CA SER A 190 2.74 1.11 12.76
C SER A 190 3.53 -0.23 12.55
N ILE A 191 4.76 -0.30 13.04
CA ILE A 191 5.55 -1.53 12.94
C ILE A 191 5.36 -2.42 14.16
N ASP A 192 5.07 -3.69 13.92
CA ASP A 192 5.04 -4.64 15.03
C ASP A 192 6.28 -5.53 14.94
N PRO A 193 7.19 -5.44 15.93
CA PRO A 193 8.42 -6.20 15.76
C PRO A 193 8.14 -7.67 16.06
N ASN A 194 6.92 -7.94 16.47
CA ASN A 194 6.52 -9.29 16.78
C ASN A 194 5.18 -9.68 16.19
N CYS A 195 5.03 -9.40 14.90
CA CYS A 195 3.79 -9.68 14.19
C CYS A 195 3.50 -11.16 14.10
N ASN A 196 2.31 -11.54 14.51
CA ASN A 196 1.91 -12.92 14.43
C ASN A 196 1.15 -13.11 13.14
N VAL A 197 1.79 -13.70 12.14
CA VAL A 197 1.17 -13.67 10.84
C VAL A 197 -0.22 -14.29 10.80
N SER A 198 -0.40 -15.34 11.57
CA SER A 198 -1.63 -16.12 11.58
C SER A 198 -2.78 -15.34 12.18
N GLU A 199 -2.42 -14.56 13.19
CA GLU A 199 -3.34 -13.71 13.89
C GLU A 199 -3.95 -12.74 12.85
N VAL A 200 -3.11 -12.10 12.04
CA VAL A 200 -3.61 -11.17 11.05
C VAL A 200 -4.44 -11.86 9.95
N VAL A 201 -3.99 -13.07 9.56
CA VAL A 201 -4.78 -13.84 8.62
C VAL A 201 -6.16 -14.08 9.22
N LYS A 202 -6.22 -14.60 10.46
CA LYS A 202 -7.56 -14.83 11.08
C LYS A 202 -8.46 -13.54 11.17
N ASP A 203 -7.89 -12.42 11.63
CA ASP A 203 -8.69 -11.24 11.79
C ASP A 203 -9.24 -10.80 10.43
N ALA A 204 -8.38 -10.74 9.41
CA ALA A 204 -8.87 -10.29 8.08
C ALA A 204 -9.90 -11.28 7.53
N TYR A 205 -9.66 -12.57 7.71
CA TYR A 205 -10.69 -13.57 7.39
C TYR A 205 -12.04 -13.25 8.10
N ASP A 206 -11.98 -13.10 9.41
CA ASP A 206 -13.14 -12.82 10.23
C ASP A 206 -13.93 -11.61 9.69
N MET A 207 -13.22 -10.58 9.30
CA MET A 207 -13.85 -9.40 8.84
C MET A 207 -14.40 -9.64 7.49
N ALA A 208 -13.65 -10.35 6.61
CA ALA A 208 -14.24 -10.53 5.28
C ALA A 208 -15.50 -11.43 5.36
N LYS A 209 -15.48 -12.47 6.21
CA LYS A 209 -16.64 -13.35 6.46
C LYS A 209 -17.89 -12.60 6.94
N LEU A 210 -17.66 -11.68 7.86
CA LEU A 210 -18.72 -10.90 8.38
C LEU A 210 -19.44 -10.23 7.22
N LEU A 211 -18.68 -9.52 6.39
CA LEU A 211 -19.24 -8.90 5.16
C LEU A 211 -19.93 -9.92 4.25
N CYS A 212 -19.32 -11.10 4.15
CA CYS A 212 -19.77 -12.13 3.24
C CYS A 212 -21.13 -12.63 3.64
N ASP A 213 -21.24 -12.99 4.92
CA ASP A 213 -22.51 -13.42 5.54
C ASP A 213 -23.58 -12.34 5.49
N LYS A 214 -23.18 -11.08 5.38
CA LYS A 214 -24.11 -9.99 5.32
C LYS A 214 -24.68 -9.92 3.90
N TYR A 215 -23.85 -10.09 2.88
CA TYR A 215 -24.36 -10.04 1.50
C TYR A 215 -24.65 -11.38 0.84
N TYR A 216 -24.38 -12.52 1.44
CA TYR A 216 -24.66 -13.74 0.72
C TYR A 216 -25.31 -14.80 1.58
N MET A 217 -25.18 -14.71 2.90
CA MET A 217 -25.73 -15.82 3.73
C MET A 217 -25.24 -17.28 3.31
N ALA A 218 -24.01 -17.34 2.80
CA ALA A 218 -23.10 -18.46 3.06
C ALA A 218 -21.67 -17.88 3.01
N SER A 219 -20.71 -18.53 3.62
CA SER A 219 -19.38 -17.99 3.58
C SER A 219 -18.50 -19.16 3.87
N PRO A 220 -17.35 -19.24 3.20
CA PRO A 220 -16.50 -20.42 3.35
C PRO A 220 -15.75 -20.40 4.67
N ASP A 221 -15.37 -21.54 5.16
CA ASP A 221 -14.50 -21.62 6.27
C ASP A 221 -13.05 -21.28 5.94
N LEU A 222 -12.24 -21.19 6.98
CA LEU A 222 -10.85 -20.96 6.78
C LEU A 222 -10.08 -22.14 7.25
N GLU A 223 -8.96 -22.47 6.60
CA GLU A 223 -8.04 -23.49 7.07
C GLU A 223 -6.68 -22.88 6.92
N ILE A 224 -5.92 -22.82 8.01
CA ILE A 224 -4.61 -22.23 7.99
C ILE A 224 -3.65 -23.34 8.25
N GLN A 225 -2.58 -23.38 7.49
CA GLN A 225 -1.51 -24.29 7.76
C GLN A 225 -0.23 -23.44 7.81
N GLU A 226 0.67 -23.78 8.73
CA GLU A 226 1.95 -23.15 8.81
C GLU A 226 3.03 -24.14 8.52
N ILE A 227 4.11 -23.66 7.91
CA ILE A 227 5.32 -24.45 7.64
C ILE A 227 6.46 -23.58 8.12
N ASN A 228 6.97 -23.84 9.31
CA ASN A 228 8.12 -23.09 9.73
C ASN A 228 9.36 -23.92 9.47
N ALA A 229 9.88 -23.83 8.25
CA ALA A 229 10.98 -24.74 7.80
C ALA A 229 12.07 -24.96 8.84
N ALA A 230 12.65 -23.88 9.36
CA ALA A 230 13.86 -24.01 10.19
C ALA A 230 13.57 -24.38 11.65
N ASN A 231 12.31 -24.22 12.07
CA ASN A 231 11.88 -24.43 13.46
C ASN A 231 10.50 -25.00 13.41
N SER A 232 10.41 -26.27 13.02
CA SER A 232 9.15 -27.01 12.90
C SER A 232 8.03 -26.54 13.86
N LYS A 233 8.44 -26.36 15.10
CA LYS A 233 7.54 -26.03 16.19
C LYS A 233 6.93 -24.60 16.12
N GLN A 234 7.79 -23.59 15.95
CA GLN A 234 7.45 -22.22 16.32
C GLN A 234 6.28 -21.61 15.53
N PRO A 235 5.36 -20.93 16.24
CA PRO A 235 4.55 -19.92 15.54
C PRO A 235 5.45 -18.96 14.67
N ILE A 236 4.95 -18.60 13.51
CA ILE A 236 5.67 -17.73 12.57
C ILE A 236 5.44 -16.25 12.92
N HIS A 237 6.51 -15.53 13.20
CA HIS A 237 6.44 -14.10 13.55
C HIS A 237 7.39 -13.36 12.62
N MET A 238 7.20 -12.05 12.50
CA MET A 238 8.09 -11.23 11.69
C MET A 238 8.00 -9.79 12.21
N VAL A 239 8.95 -8.97 11.77
CA VAL A 239 8.87 -7.50 11.92
C VAL A 239 8.12 -6.98 10.68
N TYR A 240 6.92 -6.40 10.84
CA TYR A 240 6.16 -5.92 9.67
C TYR A 240 5.28 -4.75 10.06
N VAL A 241 4.57 -4.18 9.05
CA VAL A 241 3.58 -3.18 9.28
C VAL A 241 2.26 -3.92 9.20
N PRO A 242 1.69 -4.28 10.36
CA PRO A 242 0.61 -5.24 10.15
C PRO A 242 -0.67 -4.59 9.54
N SER A 243 -0.81 -3.26 9.62
CA SER A 243 -1.96 -2.63 8.92
C SER A 243 -1.90 -2.93 7.41
N HIS A 244 -0.69 -2.83 6.85
CA HIS A 244 -0.45 -3.20 5.45
C HIS A 244 -0.84 -4.61 5.16
N LEU A 245 -0.47 -5.51 6.07
CA LEU A 245 -0.59 -6.95 5.85
C LEU A 245 -2.07 -7.25 5.91
N TYR A 246 -2.74 -6.57 6.80
CA TYR A 246 -4.21 -6.61 6.86
C TYR A 246 -4.92 -6.14 5.60
N HIS A 247 -4.54 -4.97 5.07
CA HIS A 247 -5.06 -4.53 3.75
C HIS A 247 -4.95 -5.63 2.71
N MET A 248 -3.78 -6.23 2.61
CA MET A 248 -3.56 -7.20 1.53
C MET A 248 -4.39 -8.45 1.80
N LEU A 249 -4.36 -8.95 3.06
CA LEU A 249 -5.13 -10.17 3.36
C LEU A 249 -6.66 -9.91 3.13
N PHE A 250 -7.14 -8.76 3.57
CA PHE A 250 -8.55 -8.44 3.40
C PHE A 250 -9.02 -8.36 1.94
N GLU A 251 -8.26 -7.69 1.07
CA GLU A 251 -8.59 -7.66 -0.36
C GLU A 251 -8.66 -9.09 -0.85
N LEU A 252 -7.68 -9.91 -0.42
CA LEU A 252 -7.57 -11.24 -0.99
C LEU A 252 -8.71 -12.16 -0.53
N PHE A 253 -9.05 -12.07 0.76
CA PHE A 253 -10.21 -12.81 1.30
C PHE A 253 -11.48 -12.39 0.59
N LYS A 254 -11.63 -11.11 0.36
CA LYS A 254 -12.94 -10.63 -0.13
C LYS A 254 -13.14 -11.22 -1.55
N ASN A 255 -12.09 -11.20 -2.37
CA ASN A 255 -12.15 -11.73 -3.71
C ASN A 255 -12.42 -13.23 -3.68
N ALA A 256 -11.65 -13.94 -2.87
CA ALA A 256 -11.80 -15.37 -2.75
C ALA A 256 -13.24 -15.78 -2.25
N MET A 257 -13.81 -14.96 -1.37
CA MET A 257 -15.15 -15.24 -0.87
C MET A 257 -16.12 -14.98 -1.98
N ARG A 258 -16.02 -13.83 -2.65
CA ARG A 258 -16.90 -13.57 -3.77
C ARG A 258 -16.85 -14.74 -4.74
N ALA A 259 -15.66 -15.09 -5.21
CA ALA A 259 -15.47 -16.19 -6.17
C ALA A 259 -16.16 -17.47 -5.70
N THR A 260 -15.75 -17.93 -4.51
CA THR A 260 -16.22 -19.17 -3.98
C THR A 260 -17.77 -19.17 -3.89
N VAL A 261 -18.34 -18.10 -3.40
CA VAL A 261 -19.74 -18.13 -3.04
C VAL A 261 -20.59 -18.08 -4.31
N GLU A 262 -20.33 -17.11 -5.17
CA GLU A 262 -21.02 -17.03 -6.44
C GLU A 262 -20.73 -18.22 -7.34
N SER A 263 -19.61 -18.87 -7.19
CA SER A 263 -19.40 -19.98 -8.12
C SER A 263 -20.11 -21.24 -7.63
N HIS A 264 -20.72 -21.21 -6.44
CA HIS A 264 -21.32 -22.42 -5.83
C HIS A 264 -22.77 -22.19 -5.43
N GLU A 265 -23.42 -21.23 -6.05
CA GLU A 265 -24.78 -20.91 -5.63
C GLU A 265 -25.72 -22.11 -5.76
N SER A 266 -25.67 -22.77 -6.91
CA SER A 266 -26.49 -23.95 -7.19
C SER A 266 -25.89 -25.23 -6.64
N SER A 267 -25.03 -25.16 -5.62
CA SER A 267 -24.42 -26.40 -5.14
C SER A 267 -24.43 -26.39 -3.62
N LEU A 268 -24.21 -27.53 -2.99
CA LEU A 268 -24.41 -27.60 -1.56
C LEU A 268 -23.13 -27.37 -0.71
N ILE A 269 -22.14 -28.27 -0.87
CA ILE A 269 -20.73 -28.06 -0.45
C ILE A 269 -20.09 -26.75 -0.96
N LEU A 270 -19.44 -26.03 -0.05
CA LEU A 270 -18.76 -24.76 -0.29
C LEU A 270 -17.31 -24.99 0.09
N PRO A 271 -16.35 -24.93 -0.87
CA PRO A 271 -14.98 -25.21 -0.40
C PRO A 271 -14.45 -24.22 0.63
N PRO A 272 -13.62 -24.71 1.54
CA PRO A 272 -13.03 -23.67 2.39
C PRO A 272 -12.02 -22.85 1.56
N ILE A 273 -11.59 -21.73 2.13
CA ILE A 273 -10.47 -20.95 1.62
C ILE A 273 -9.29 -21.34 2.47
N LYS A 274 -8.18 -21.70 1.81
CA LYS A 274 -7.04 -22.37 2.49
C LYS A 274 -5.86 -21.46 2.45
N VAL A 275 -5.28 -21.21 3.59
CA VAL A 275 -4.17 -20.32 3.60
C VAL A 275 -2.96 -21.06 4.11
N MET A 276 -1.84 -20.87 3.43
CA MET A 276 -0.61 -21.41 3.93
C MET A 276 0.41 -20.34 4.24
N VAL A 277 1.07 -20.51 5.38
CA VAL A 277 2.09 -19.59 5.79
C VAL A 277 3.40 -20.36 5.88
N ALA A 278 4.35 -19.98 5.00
CA ALA A 278 5.67 -20.63 4.89
C ALA A 278 6.74 -19.68 5.31
N LEU A 279 7.66 -20.15 6.14
CA LEU A 279 8.82 -19.35 6.56
C LEU A 279 10.11 -20.02 6.08
N GLY A 280 10.74 -19.43 5.05
CA GLY A 280 12.00 -19.91 4.51
C GLY A 280 13.15 -19.07 5.03
N GLU A 281 14.37 -19.35 4.53
CA GLU A 281 15.59 -18.58 4.85
C GLU A 281 15.48 -17.12 4.46
N GLU A 282 14.67 -16.85 3.46
CA GLU A 282 14.65 -15.55 2.86
C GLU A 282 13.23 -14.99 2.66
N ASP A 283 12.26 -15.86 2.29
CA ASP A 283 10.90 -15.49 2.09
C ASP A 283 10.04 -15.91 3.26
N LEU A 284 9.09 -15.02 3.56
CA LEU A 284 7.88 -15.42 4.23
C LEU A 284 6.71 -15.30 3.26
N SER A 285 6.13 -16.44 2.86
CA SER A 285 5.14 -16.44 1.85
C SER A 285 3.76 -16.80 2.38
N ILE A 286 2.69 -16.12 1.91
CA ILE A 286 1.30 -16.40 2.34
C ILE A 286 0.48 -16.69 1.14
N LYS A 287 0.15 -17.97 0.94
CA LYS A 287 -0.69 -18.37 -0.18
C LYS A 287 -2.14 -18.48 0.26
N MET A 288 -3.05 -17.95 -0.52
CA MET A 288 -4.43 -18.11 -0.21
C MET A 288 -5.08 -18.77 -1.41
N SER A 289 -5.64 -19.98 -1.22
CA SER A 289 -6.20 -20.80 -2.33
C SER A 289 -7.71 -20.88 -2.25
N ASP A 290 -8.37 -20.73 -3.39
CA ASP A 290 -9.80 -20.80 -3.43
C ASP A 290 -10.21 -21.70 -4.58
N ARG A 291 -11.48 -22.10 -4.60
CA ARG A 291 -12.02 -22.93 -5.63
C ARG A 291 -13.20 -22.20 -6.24
N GLY A 292 -12.97 -20.94 -6.61
CA GLY A 292 -14.04 -20.11 -7.12
C GLY A 292 -14.21 -20.34 -8.59
N GLY A 293 -13.52 -21.31 -9.18
CA GLY A 293 -13.63 -21.45 -10.65
C GLY A 293 -12.55 -20.72 -11.46
N GLY A 294 -11.92 -19.73 -10.86
CA GLY A 294 -10.70 -19.25 -11.44
C GLY A 294 -10.95 -18.32 -12.60
N VAL A 295 -9.84 -17.89 -13.21
CA VAL A 295 -9.79 -16.88 -14.27
C VAL A 295 -8.84 -17.41 -15.40
N PRO A 296 -9.21 -17.21 -16.67
CA PRO A 296 -8.25 -17.64 -17.71
C PRO A 296 -6.96 -16.81 -17.75
N LEU A 297 -5.84 -17.47 -18.01
CA LEU A 297 -4.56 -16.80 -18.05
C LEU A 297 -4.62 -15.46 -18.79
N ARG A 298 -5.26 -15.42 -19.96
CA ARG A 298 -5.46 -14.17 -20.73
C ARG A 298 -5.98 -13.00 -19.88
N LYS A 299 -6.94 -13.23 -18.99
CA LYS A 299 -7.58 -12.12 -18.27
C LYS A 299 -6.93 -11.77 -16.92
N ILE A 300 -5.90 -12.51 -16.51
CA ILE A 300 -5.29 -12.21 -15.25
C ILE A 300 -4.60 -10.83 -15.09
N GLU A 301 -3.74 -10.40 -16.02
CA GLU A 301 -3.04 -9.11 -15.85
C GLU A 301 -4.04 -7.93 -15.59
N ARG A 302 -5.23 -8.05 -16.17
CA ARG A 302 -6.27 -7.03 -16.13
C ARG A 302 -6.68 -6.66 -14.72
N LEU A 303 -6.73 -7.66 -13.84
CA LEU A 303 -7.04 -7.47 -12.43
C LEU A 303 -6.04 -6.51 -11.79
N PHE A 304 -4.87 -6.33 -12.38
CA PHE A 304 -3.88 -5.46 -11.74
C PHE A 304 -3.87 -4.05 -12.33
N SER A 305 -4.69 -3.87 -13.38
CA SER A 305 -4.68 -2.68 -14.20
C SER A 305 -5.54 -1.61 -13.61
N TYR A 306 -4.97 -0.44 -13.32
CA TYR A 306 -5.86 0.68 -12.89
C TYR A 306 -6.92 1.00 -13.96
N MET A 307 -6.52 0.97 -15.22
CA MET A 307 -7.43 1.38 -16.30
C MET A 307 -8.62 0.43 -16.38
N TYR A 308 -8.36 -0.88 -16.48
CA TYR A 308 -9.47 -1.82 -16.72
C TYR A 308 -10.29 -2.04 -15.45
N SER A 309 -9.65 -2.00 -14.29
CA SER A 309 -10.33 -2.16 -13.02
C SER A 309 -10.94 -0.85 -12.52
N THR A 310 -11.09 0.13 -13.41
CA THR A 310 -11.89 1.33 -13.13
C THR A 310 -13.03 1.43 -14.15
N ALA A 311 -14.24 1.34 -13.63
CA ALA A 311 -15.49 1.52 -14.38
C ALA A 311 -16.30 2.66 -13.68
N PRO A 312 -17.24 3.30 -14.40
CA PRO A 312 -17.90 4.47 -13.81
C PRO A 312 -18.93 4.10 -12.73
N PRO A 322 -21.54 -6.23 -4.85
CA PRO A 322 -21.84 -6.37 -3.42
C PRO A 322 -20.66 -6.03 -2.50
N LEU A 323 -19.74 -7.00 -2.30
CA LEU A 323 -18.44 -6.76 -1.61
C LEU A 323 -17.50 -5.81 -2.37
N ALA A 324 -17.82 -5.56 -3.65
CA ALA A 324 -17.06 -4.70 -4.52
C ALA A 324 -16.60 -3.36 -3.90
N GLY A 325 -17.40 -2.78 -2.99
CA GLY A 325 -17.09 -1.51 -2.33
C GLY A 325 -15.96 -1.52 -1.29
N PHE A 326 -15.49 -2.70 -0.87
CA PHE A 326 -14.56 -2.76 0.25
C PHE A 326 -13.12 -3.07 -0.18
N GLY A 327 -12.14 -2.68 0.64
CA GLY A 327 -10.76 -3.05 0.34
C GLY A 327 -10.05 -2.02 -0.55
N TYR A 328 -8.72 -2.18 -0.60
CA TYR A 328 -7.75 -1.24 -1.24
C TYR A 328 -7.48 -1.54 -2.70
N GLY A 329 -7.96 -2.70 -3.21
CA GLY A 329 -7.77 -3.13 -4.61
C GLY A 329 -6.49 -3.95 -4.70
N LEU A 330 -6.44 -4.75 -5.76
CA LEU A 330 -5.30 -5.56 -6.06
C LEU A 330 -3.99 -4.75 -6.40
N PRO A 331 -4.08 -3.77 -7.32
CA PRO A 331 -2.90 -2.95 -7.63
C PRO A 331 -2.27 -2.34 -6.39
N ILE A 332 -3.03 -1.60 -5.56
CA ILE A 332 -2.47 -1.10 -4.31
C ILE A 332 -2.01 -2.19 -3.33
N SER A 333 -2.80 -3.27 -3.17
CA SER A 333 -2.33 -4.38 -2.34
C SER A 333 -0.94 -4.83 -2.78
N ARG A 334 -0.66 -4.80 -4.07
CA ARG A 334 0.61 -5.32 -4.50
C ARG A 334 1.73 -4.33 -4.25
N LEU A 335 1.45 -3.05 -4.45
CA LEU A 335 2.34 -1.99 -3.99
C LEU A 335 2.68 -2.16 -2.51
N TYR A 336 1.71 -2.43 -1.63
CA TYR A 336 2.08 -2.65 -0.20
C TYR A 336 3.10 -3.75 -0.05
N ALA A 337 2.95 -4.83 -0.85
CA ALA A 337 3.88 -5.95 -0.75
C ALA A 337 5.25 -5.51 -1.32
N LYS A 338 5.21 -4.87 -2.49
CA LYS A 338 6.48 -4.41 -3.08
C LYS A 338 7.20 -3.43 -2.18
N TYR A 339 6.43 -2.72 -1.33
CA TYR A 339 7.00 -1.57 -0.64
C TYR A 339 8.19 -1.94 0.23
N PHE A 340 8.18 -3.14 0.82
CA PHE A 340 9.31 -3.63 1.61
C PHE A 340 10.04 -4.81 0.94
N GLN A 341 10.20 -4.68 -0.38
CA GLN A 341 10.93 -5.63 -1.22
C GLN A 341 10.21 -6.98 -1.39
N GLY A 342 8.88 -7.02 -1.22
CA GLY A 342 8.12 -8.28 -1.46
C GLY A 342 7.32 -8.17 -2.72
N ASP A 343 6.34 -9.03 -2.88
CA ASP A 343 5.52 -9.04 -4.10
C ASP A 343 4.14 -9.69 -3.79
N LEU A 344 3.17 -9.50 -4.70
CA LEU A 344 1.89 -10.16 -4.63
C LEU A 344 1.56 -10.65 -6.06
N GLN A 345 1.32 -11.96 -6.19
CA GLN A 345 1.15 -12.60 -7.47
C GLN A 345 -0.11 -13.45 -7.45
N LEU A 346 -0.70 -13.64 -8.62
CA LEU A 346 -1.89 -14.46 -8.72
C LEU A 346 -1.60 -15.51 -9.71
N PHE A 347 -2.08 -16.72 -9.47
CA PHE A 347 -2.23 -17.65 -10.60
C PHE A 347 -3.39 -18.56 -10.44
N SER A 348 -4.09 -18.81 -11.54
CA SER A 348 -5.40 -19.42 -11.50
C SER A 348 -5.35 -20.67 -12.37
N MET A 349 -6.34 -21.54 -12.17
CA MET A 349 -6.58 -22.68 -13.06
C MET A 349 -8.04 -22.55 -13.41
N GLU A 350 -8.30 -22.06 -14.60
CA GLU A 350 -9.65 -21.81 -14.94
C GLU A 350 -10.40 -23.10 -14.81
N GLY A 351 -11.59 -23.05 -14.22
CA GLY A 351 -12.38 -24.29 -13.99
C GLY A 351 -12.23 -24.80 -12.58
N PHE A 352 -11.32 -24.21 -11.82
CA PHE A 352 -10.99 -24.74 -10.52
C PHE A 352 -10.91 -23.60 -9.50
N GLY A 353 -9.85 -22.80 -9.55
CA GLY A 353 -9.71 -21.69 -8.59
C GLY A 353 -8.43 -20.92 -8.72
N THR A 354 -8.14 -20.11 -7.71
CA THR A 354 -7.09 -19.12 -7.80
C THR A 354 -6.24 -19.17 -6.54
N ASP A 355 -4.92 -19.19 -6.72
CA ASP A 355 -3.95 -18.90 -5.64
C ASP A 355 -3.47 -17.48 -5.71
N ALA A 356 -3.42 -16.84 -4.57
CA ALA A 356 -2.84 -15.56 -4.46
C ALA A 356 -1.78 -15.68 -3.37
N VAL A 357 -0.61 -15.17 -3.65
CA VAL A 357 0.49 -15.32 -2.75
C VAL A 357 1.07 -13.95 -2.49
N ILE A 358 1.33 -13.67 -1.23
CA ILE A 358 2.01 -12.50 -0.79
C ILE A 358 3.36 -12.99 -0.45
N TYR A 359 4.37 -12.33 -1.00
CA TYR A 359 5.76 -12.66 -0.74
C TYR A 359 6.36 -11.54 0.08
N LEU A 360 6.85 -11.85 1.25
CA LEU A 360 7.49 -10.84 2.07
C LEU A 360 8.90 -11.31 2.39
N LYS A 361 9.75 -10.40 2.87
CA LYS A 361 11.09 -10.70 3.27
C LYS A 361 10.99 -11.29 4.66
N ALA A 362 11.59 -12.45 4.92
CA ALA A 362 11.58 -12.97 6.26
C ALA A 362 12.48 -12.15 7.21
N LEU A 363 13.64 -11.69 6.72
CA LEU A 363 14.65 -11.06 7.60
C LEU A 363 14.51 -9.55 7.60
N SER A 364 14.32 -8.95 8.77
CA SER A 364 14.24 -7.49 8.86
C SER A 364 15.39 -6.77 8.18
N THR A 365 16.55 -7.40 8.05
CA THR A 365 17.66 -6.71 7.41
C THR A 365 17.47 -6.58 5.89
N ASP A 366 16.51 -7.34 5.33
CA ASP A 366 16.18 -7.30 3.91
C ASP A 366 14.95 -6.40 3.69
N SER A 367 14.30 -5.98 4.77
CA SER A 367 13.06 -5.18 4.64
C SER A 367 13.38 -3.69 4.60
N VAL A 368 13.70 -3.26 3.41
CA VAL A 368 14.10 -1.92 3.17
C VAL A 368 13.08 -1.34 2.19
N GLU A 369 12.78 -0.07 2.38
CA GLU A 369 11.84 0.65 1.51
C GLU A 369 12.21 0.47 0.06
N ARG A 370 11.21 0.21 -0.78
CA ARG A 370 11.46 0.27 -2.18
C ARG A 370 10.70 1.50 -2.64
N LEU A 371 11.41 2.42 -3.31
CA LEU A 371 10.85 3.71 -3.67
C LEU A 371 10.92 3.84 -5.16
N PRO A 372 9.97 4.56 -5.78
CA PRO A 372 10.05 4.67 -7.23
C PRO A 372 11.44 5.18 -7.59
N VAL A 373 12.02 4.65 -8.66
CA VAL A 373 13.34 5.08 -9.18
C VAL A 373 13.33 6.48 -9.85
N TYR A 374 14.26 7.36 -9.51
CA TYR A 374 14.30 8.56 -10.33
C TYR A 374 15.59 8.89 -11.09
#